data_6ISL
#
_entry.id   6ISL
#
_cell.length_a   80.220
_cell.length_b   80.220
_cell.length_c   112.200
_cell.angle_alpha   90.000
_cell.angle_beta   90.000
_cell.angle_gamma   120.000
#
_symmetry.space_group_name_H-M   'H 3'
#
loop_
_entity.id
_entity.type
_entity.pdbx_description
1 polymer 'XimE, SnoaL-like domain protein'
2 non-polymer '(2R,3S)-2-methyl-2-(4-methylpent-3-enyl)-3-oxidanyl-3,4-dihydrochromene-6-carboxylic acid'
3 water water
#
_entity_poly.entity_id   1
_entity_poly.type   'polypeptide(L)'
_entity_poly.pdbx_seq_one_letter_code
;MGSSHHHHHHSSGLVPRGSHMASMTGGQQMGRGSMGQTTHTALDRYMELADRAVRDPSALAELPTIFAPDATVTLRDEPV
TGMPAIMEFYRVFVAAVAESKHYWTTTILEDGTIESHWVVAARRADGSLMTAAGVEHATVDTDGLITNLRNRYTRTPG
;
_entity_poly.pdbx_strand_id   A,B
#
loop_
_chem_comp.id
_chem_comp.type
_chem_comp.name
_chem_comp.formula
XIA non-polymer '(2R,3S)-2-methyl-2-(4-methylpent-3-enyl)-3-oxidanyl-3,4-dihydrochromene-6-carboxylic acid' 'C17 H22 O4'
#
# COMPACT_ATOMS: atom_id res chain seq x y z
N THR A 39 -10.39 -2.31 -10.30
CA THR A 39 -10.43 -1.81 -8.88
C THR A 39 -9.07 -2.05 -8.25
N HIS A 40 -8.83 -1.41 -7.09
CA HIS A 40 -7.52 -1.50 -6.42
C HIS A 40 -7.70 -1.73 -4.91
N THR A 41 -8.57 -2.69 -4.56
CA THR A 41 -8.69 -3.21 -3.18
C THR A 41 -7.42 -3.96 -2.79
N ALA A 42 -7.34 -4.38 -1.53
CA ALA A 42 -6.16 -5.11 -1.10
C ALA A 42 -6.09 -6.43 -1.85
N LEU A 43 -7.22 -7.00 -2.20
CA LEU A 43 -7.21 -8.30 -2.91
C LEU A 43 -6.65 -8.08 -4.29
N ASP A 44 -6.98 -6.95 -4.91
CA ASP A 44 -6.37 -6.61 -6.23
C ASP A 44 -4.88 -6.43 -6.13
N ARG A 45 -4.44 -5.74 -5.08
CA ARG A 45 -3.02 -5.50 -4.87
C ARG A 45 -2.30 -6.83 -4.64
N TYR A 46 -3.02 -7.77 -4.05
CA TYR A 46 -2.45 -9.10 -3.78
C TYR A 46 -2.29 -9.88 -5.08
N MET A 47 -3.31 -9.81 -5.93
CA MET A 47 -3.28 -10.49 -7.21
C MET A 47 -2.13 -9.93 -8.04
N GLU A 48 -2.05 -8.60 -8.07
CA GLU A 48 -0.97 -7.90 -8.81
C GLU A 48 0.38 -8.36 -8.37
N LEU A 49 0.53 -8.56 -7.08
CA LEU A 49 1.81 -8.97 -6.55
C LEU A 49 2.26 -10.37 -7.00
N ALA A 50 1.28 -11.23 -7.30
CA ALA A 50 1.54 -12.62 -7.53
C ALA A 50 2.55 -12.77 -8.62
N ASP A 51 2.34 -12.15 -9.75
CA ASP A 51 3.23 -12.39 -10.86
C ASP A 51 4.55 -11.64 -10.65
N ARG A 52 4.48 -10.51 -9.98
CA ARG A 52 5.67 -9.65 -9.75
C ARG A 52 6.61 -10.36 -8.83
N ALA A 53 6.09 -10.95 -7.78
CA ALA A 53 6.94 -11.68 -6.87
C ALA A 53 7.55 -12.97 -7.43
N VAL A 54 6.88 -13.61 -8.36
CA VAL A 54 7.54 -14.71 -9.07
C VAL A 54 8.77 -14.25 -9.79
N ARG A 55 8.70 -13.15 -10.48
CA ARG A 55 9.90 -12.61 -11.12
C ARG A 55 10.92 -12.20 -10.06
N ASP A 56 10.45 -11.35 -9.12
CA ASP A 56 11.34 -10.70 -8.10
C ASP A 56 10.80 -10.95 -6.68
N PRO A 57 11.31 -11.98 -5.98
CA PRO A 57 10.74 -12.37 -4.72
C PRO A 57 10.90 -11.34 -3.62
N SER A 58 11.79 -10.38 -3.80
CA SER A 58 11.91 -9.35 -2.80
C SER A 58 10.69 -8.40 -2.85
N ALA A 59 9.86 -8.42 -3.90
CA ALA A 59 8.57 -7.74 -3.90
C ALA A 59 7.60 -8.19 -2.77
N LEU A 60 7.85 -9.33 -2.16
CA LEU A 60 7.03 -9.83 -1.05
C LEU A 60 7.17 -9.01 0.24
N ALA A 61 8.16 -8.11 0.28
CA ALA A 61 8.22 -7.13 1.40
C ALA A 61 7.03 -6.17 1.33
N GLU A 62 6.28 -6.14 0.24
CA GLU A 62 5.00 -5.41 0.22
C GLU A 62 3.84 -6.08 0.99
N LEU A 63 4.01 -7.32 1.42
CA LEU A 63 2.90 -8.02 2.06
C LEU A 63 2.22 -7.29 3.25
N PRO A 64 2.98 -6.54 4.09
CA PRO A 64 2.34 -5.76 5.18
C PRO A 64 1.46 -4.58 4.77
N THR A 65 1.43 -4.29 3.48
CA THR A 65 0.51 -3.29 2.95
C THR A 65 -0.71 -3.92 2.35
N ILE A 66 -0.76 -5.24 2.39
CA ILE A 66 -1.87 -6.00 1.87
C ILE A 66 -2.64 -6.70 3.03
N PHE A 67 -1.91 -7.42 3.87
CA PHE A 67 -2.47 -8.22 4.98
C PHE A 67 -2.27 -7.50 6.33
N ALA A 68 -3.29 -7.57 7.16
CA ALA A 68 -3.15 -7.15 8.56
C ALA A 68 -2.10 -8.00 9.26
N PRO A 69 -1.49 -7.44 10.28
CA PRO A 69 -0.65 -8.41 10.92
C PRO A 69 -1.66 -9.30 11.70
N ASP A 70 -1.26 -10.49 11.90
CA ASP A 70 -2.10 -11.54 12.42
C ASP A 70 -3.18 -11.97 11.50
N ALA A 71 -3.05 -11.71 10.19
CA ALA A 71 -3.99 -12.24 9.23
C ALA A 71 -3.87 -13.75 9.16
N THR A 72 -4.94 -14.38 8.73
CA THR A 72 -4.94 -15.80 8.33
C THR A 72 -5.23 -16.01 6.84
N VAL A 73 -4.48 -16.92 6.25
CA VAL A 73 -4.61 -17.23 4.82
C VAL A 73 -4.78 -18.72 4.67
N THR A 74 -5.77 -19.15 3.93
CA THR A 74 -5.92 -20.56 3.53
C THR A 74 -6.13 -20.73 2.01
N LEU A 75 -5.07 -21.10 1.34
CA LEU A 75 -5.12 -21.24 -0.14
C LEU A 75 -5.73 -22.56 -0.59
N ARG A 76 -5.44 -23.64 0.12
CA ARG A 76 -5.98 -24.94 -0.27
C ARG A 76 -6.62 -25.68 0.90
N ASP A 77 -5.80 -26.10 1.85
CA ASP A 77 -6.29 -26.83 3.02
C ASP A 77 -5.67 -26.38 4.36
N GLU A 78 -4.45 -25.83 4.35
CA GLU A 78 -3.72 -25.44 5.55
C GLU A 78 -3.77 -23.92 5.82
N PRO A 79 -4.16 -23.46 7.04
CA PRO A 79 -4.06 -22.01 7.34
C PRO A 79 -2.68 -21.62 7.69
N VAL A 80 -2.34 -20.38 7.37
CA VAL A 80 -1.05 -19.81 7.68
C VAL A 80 -1.41 -18.48 8.32
N THR A 81 -0.89 -18.22 9.52
CA THR A 81 -1.31 -17.06 10.31
C THR A 81 -0.13 -16.26 10.73
N GLY A 82 -0.29 -14.96 10.54
CA GLY A 82 0.69 -13.96 10.85
C GLY A 82 1.74 -13.67 9.83
N MET A 83 2.27 -12.45 9.89
CA MET A 83 3.18 -11.95 8.83
C MET A 83 4.42 -12.81 8.61
N PRO A 84 5.12 -13.20 9.70
CA PRO A 84 6.26 -14.01 9.47
C PRO A 84 6.00 -15.34 8.77
N ALA A 85 4.97 -16.06 9.18
CA ALA A 85 4.60 -17.30 8.52
C ALA A 85 4.08 -17.01 7.09
N ILE A 86 3.32 -15.91 6.91
CA ILE A 86 2.75 -15.58 5.61
C ILE A 86 3.92 -15.27 4.62
N MET A 87 4.92 -14.48 5.04
CA MET A 87 6.05 -14.13 4.19
C MET A 87 6.81 -15.41 3.78
N GLU A 88 6.99 -16.33 4.72
CA GLU A 88 7.73 -17.55 4.39
C GLU A 88 6.94 -18.44 3.49
N PHE A 89 5.63 -18.55 3.72
CA PHE A 89 4.79 -19.40 2.87
C PHE A 89 4.87 -18.93 1.41
N TYR A 90 4.78 -17.60 1.22
CA TYR A 90 4.84 -17.01 -0.14
C TYR A 90 6.21 -17.02 -0.73
N ARG A 91 7.25 -17.03 0.08
CA ARG A 91 8.60 -17.15 -0.45
C ARG A 91 8.72 -18.54 -1.11
N VAL A 92 8.36 -19.58 -0.34
CA VAL A 92 8.34 -20.97 -0.78
C VAL A 92 7.47 -21.15 -2.02
N PHE A 93 6.26 -20.65 -1.95
CA PHE A 93 5.34 -20.64 -3.11
C PHE A 93 5.99 -20.09 -4.38
N VAL A 94 6.56 -18.89 -4.36
CA VAL A 94 7.04 -18.29 -5.57
C VAL A 94 8.34 -18.89 -6.00
N ALA A 95 9.10 -19.48 -5.07
CA ALA A 95 10.25 -20.30 -5.47
C ALA A 95 9.85 -21.51 -6.38
N ALA A 96 8.70 -22.13 -6.20
CA ALA A 96 8.32 -23.26 -7.03
C ALA A 96 7.83 -22.85 -8.48
N VAL A 97 7.86 -21.55 -8.81
CA VAL A 97 7.31 -21.02 -10.07
C VAL A 97 8.39 -20.31 -10.84
N ALA A 98 8.51 -20.62 -12.14
CA ALA A 98 9.44 -19.89 -12.98
C ALA A 98 8.85 -18.59 -13.54
N GLU A 99 7.66 -18.67 -14.05
CA GLU A 99 7.00 -17.48 -14.60
C GLU A 99 5.46 -17.77 -14.59
N SER A 100 4.69 -16.74 -14.37
CA SER A 100 3.22 -16.87 -14.25
C SER A 100 2.55 -15.63 -14.77
N LYS A 101 1.29 -15.82 -15.10
CA LYS A 101 0.37 -14.73 -15.41
C LYS A 101 -0.98 -15.00 -14.83
N HIS A 102 -1.49 -14.04 -14.04
CA HIS A 102 -2.84 -14.08 -13.49
C HIS A 102 -3.77 -13.10 -14.20
N TYR A 103 -5.03 -13.42 -14.34
CA TYR A 103 -6.16 -12.46 -14.69
C TYR A 103 -7.21 -12.63 -13.65
N TRP A 104 -7.86 -11.54 -13.26
CA TRP A 104 -8.87 -11.63 -12.22
C TRP A 104 -9.94 -10.58 -12.41
N THR A 105 -11.04 -10.77 -11.70
CA THR A 105 -12.15 -9.81 -11.64
C THR A 105 -12.57 -9.75 -10.18
N THR A 106 -12.83 -8.54 -9.66
CA THR A 106 -13.08 -8.32 -8.23
C THR A 106 -14.44 -7.63 -8.00
N THR A 107 -15.19 -8.09 -6.99
CA THR A 107 -16.43 -7.47 -6.55
C THR A 107 -16.41 -7.30 -5.04
N ILE A 108 -17.12 -6.31 -4.54
CA ILE A 108 -17.34 -6.15 -3.09
C ILE A 108 -18.74 -6.67 -2.79
N LEU A 109 -18.85 -7.69 -1.94
CA LEU A 109 -20.15 -8.29 -1.65
C LEU A 109 -20.91 -7.40 -0.64
N GLU A 110 -22.20 -7.72 -0.50
CA GLU A 110 -23.15 -7.02 0.37
C GLU A 110 -22.52 -6.69 1.71
N ASP A 111 -22.01 -7.74 2.35
CA ASP A 111 -21.36 -7.62 3.67
C ASP A 111 -19.98 -6.94 3.74
N GLY A 112 -19.47 -6.39 2.64
CA GLY A 112 -18.12 -5.82 2.63
C GLY A 112 -16.96 -6.82 2.44
N THR A 113 -17.25 -8.11 2.38
CA THR A 113 -16.32 -9.15 1.88
C THR A 113 -15.90 -8.82 0.42
N ILE A 114 -14.66 -9.12 0.09
CA ILE A 114 -14.19 -8.89 -1.28
C ILE A 114 -14.08 -10.27 -1.90
N GLU A 115 -14.53 -10.39 -3.17
CA GLU A 115 -14.47 -11.64 -3.85
C GLU A 115 -13.66 -11.41 -5.15
N SER A 116 -12.69 -12.24 -5.47
CA SER A 116 -12.05 -12.17 -6.81
C SER A 116 -12.04 -13.54 -7.45
N HIS A 117 -12.57 -13.62 -8.67
CA HIS A 117 -12.46 -14.76 -9.54
C HIS A 117 -11.16 -14.64 -10.32
N TRP A 118 -10.36 -15.69 -10.40
CA TRP A 118 -9.07 -15.56 -11.00
C TRP A 118 -8.73 -16.79 -11.80
N VAL A 119 -7.77 -16.63 -12.71
CA VAL A 119 -7.14 -17.67 -13.50
C VAL A 119 -5.64 -17.47 -13.49
N VAL A 120 -4.92 -18.54 -13.64
CA VAL A 120 -3.48 -18.51 -13.85
C VAL A 120 -2.98 -19.47 -14.86
N ALA A 121 -1.94 -19.07 -15.57
CA ALA A 121 -1.06 -20.01 -16.37
C ALA A 121 0.36 -19.80 -15.90
N ALA A 122 1.14 -20.88 -15.84
CA ALA A 122 2.47 -20.74 -15.40
C ALA A 122 3.37 -21.88 -15.89
N ARG A 123 4.67 -21.61 -15.87
CA ARG A 123 5.73 -22.60 -15.96
C ARG A 123 6.36 -22.73 -14.57
N ARG A 124 6.35 -23.93 -14.08
CA ARG A 124 6.86 -24.22 -12.73
C ARG A 124 8.34 -24.28 -12.82
N ALA A 125 8.96 -24.31 -11.65
CA ALA A 125 10.37 -24.33 -11.61
C ALA A 125 10.91 -25.68 -12.10
N ASP A 126 10.14 -26.75 -12.03
CA ASP A 126 10.57 -28.03 -12.60
C ASP A 126 10.36 -28.09 -14.10
N GLY A 127 9.93 -26.99 -14.69
CA GLY A 127 9.72 -26.95 -16.12
C GLY A 127 8.36 -27.40 -16.56
N SER A 128 7.51 -27.88 -15.64
CA SER A 128 6.20 -28.36 -16.00
C SER A 128 5.30 -27.14 -16.26
N LEU A 129 4.23 -27.32 -17.04
CA LEU A 129 3.27 -26.22 -17.27
C LEU A 129 2.06 -26.47 -16.40
N MET A 130 1.41 -25.40 -15.96
CA MET A 130 0.16 -25.55 -15.21
C MET A 130 -0.85 -24.45 -15.51
N THR A 131 -2.10 -24.71 -15.19
CA THR A 131 -3.18 -23.72 -15.15
C THR A 131 -3.99 -24.00 -13.91
N ALA A 132 -4.77 -23.00 -13.45
CA ALA A 132 -5.68 -23.17 -12.30
C ALA A 132 -6.63 -22.01 -12.35
N ALA A 133 -7.71 -22.12 -11.62
CA ALA A 133 -8.73 -21.10 -11.58
C ALA A 133 -9.47 -21.25 -10.26
N GLY A 134 -9.89 -20.13 -9.75
CA GLY A 134 -10.54 -20.14 -8.46
C GLY A 134 -11.27 -18.87 -8.08
N VAL A 135 -11.75 -18.89 -6.82
CA VAL A 135 -12.34 -17.71 -6.25
C VAL A 135 -11.77 -17.52 -4.87
N GLU A 136 -11.32 -16.30 -4.65
CA GLU A 136 -10.83 -15.83 -3.35
C GLU A 136 -11.78 -14.89 -2.69
N HIS A 137 -11.96 -15.11 -1.37
CA HIS A 137 -12.85 -14.32 -0.54
C HIS A 137 -11.99 -13.73 0.57
N ALA A 138 -12.01 -12.42 0.68
CA ALA A 138 -11.23 -11.74 1.73
C ALA A 138 -12.13 -10.96 2.68
N THR A 139 -11.90 -11.14 3.98
CA THR A 139 -12.38 -10.19 4.99
C THR A 139 -11.35 -9.10 5.13
N VAL A 140 -11.79 -7.87 5.17
CA VAL A 140 -10.89 -6.76 5.40
C VAL A 140 -11.22 -6.05 6.70
N ASP A 141 -10.25 -5.35 7.23
CA ASP A 141 -10.45 -4.53 8.42
C ASP A 141 -10.82 -3.12 8.06
N THR A 142 -10.94 -2.20 9.03
CA THR A 142 -11.41 -0.86 8.71
C THR A 142 -10.39 -0.10 7.90
N ASP A 143 -9.10 -0.49 7.94
CA ASP A 143 -8.06 0.14 7.10
C ASP A 143 -8.01 -0.39 5.68
N GLY A 144 -8.85 -1.38 5.40
CA GLY A 144 -8.87 -2.11 4.13
C GLY A 144 -7.90 -3.24 3.96
N LEU A 145 -7.12 -3.60 4.96
CA LEU A 145 -6.18 -4.68 4.83
C LEU A 145 -6.86 -6.02 5.12
N ILE A 146 -6.30 -7.08 4.55
CA ILE A 146 -6.97 -8.39 4.63
C ILE A 146 -6.72 -9.01 6.00
N THR A 147 -7.76 -9.45 6.66
CA THR A 147 -7.62 -10.23 7.90
C THR A 147 -7.78 -11.72 7.73
N ASN A 148 -8.50 -12.09 6.69
CA ASN A 148 -8.77 -13.48 6.38
C ASN A 148 -8.96 -13.67 4.91
N LEU A 149 -8.16 -14.54 4.41
CA LEU A 149 -8.16 -14.89 2.96
C LEU A 149 -8.37 -16.37 2.75
N ARG A 150 -9.40 -16.64 1.98
CA ARG A 150 -9.74 -18.03 1.61
C ARG A 150 -9.86 -18.22 0.08
N ASN A 151 -9.37 -19.35 -0.40
CA ASN A 151 -9.49 -19.71 -1.83
C ASN A 151 -10.21 -21.03 -1.96
N ARG A 152 -11.03 -21.13 -3.02
CA ARG A 152 -11.61 -22.38 -3.47
C ARG A 152 -11.29 -22.52 -4.95
N TYR A 153 -10.81 -23.67 -5.37
CA TYR A 153 -10.49 -23.89 -6.79
C TYR A 153 -11.71 -24.34 -7.55
N THR A 154 -11.95 -23.72 -8.68
CA THR A 154 -12.81 -24.20 -9.71
C THR A 154 -12.14 -24.95 -10.87
N ARG A 155 -10.82 -24.79 -10.98
CA ARG A 155 -9.98 -25.66 -11.78
C ARG A 155 -8.75 -25.90 -10.99
N THR A 156 -8.55 -27.12 -10.47
CA THR A 156 -7.38 -27.40 -9.65
C THR A 156 -6.09 -27.36 -10.45
N PRO A 157 -4.96 -27.06 -9.75
CA PRO A 157 -3.68 -26.86 -10.46
C PRO A 157 -3.27 -28.12 -11.04
N GLY A 158 -2.88 -28.06 -12.29
CA GLY A 158 -2.65 -29.25 -13.09
C GLY A 158 -2.01 -28.85 -14.41
N THR B 39 13.85 3.13 3.96
CA THR B 39 12.72 2.37 4.59
C THR B 39 11.46 2.60 3.80
N HIS B 40 10.47 1.75 4.07
CA HIS B 40 9.19 1.81 3.36
C HIS B 40 8.03 1.78 4.35
N THR B 41 8.13 2.61 5.43
CA THR B 41 6.97 2.86 6.30
C THR B 41 5.88 3.63 5.56
N ALA B 42 4.74 3.82 6.19
CA ALA B 42 3.70 4.59 5.51
C ALA B 42 4.14 6.04 5.31
N LEU B 43 4.98 6.54 6.19
CA LEU B 43 5.44 7.90 6.04
C LEU B 43 6.36 7.99 4.80
N ASP B 44 7.18 6.97 4.60
CA ASP B 44 7.99 6.92 3.35
C ASP B 44 7.13 6.90 2.14
N ARG B 45 6.05 6.11 2.14
CA ARG B 45 5.16 6.06 1.01
C ARG B 45 4.43 7.39 0.78
N TYR B 46 4.11 8.11 1.84
CA TYR B 46 3.58 9.46 1.78
C TYR B 46 4.54 10.43 1.12
N MET B 47 5.81 10.39 1.52
CA MET B 47 6.83 11.25 0.95
C MET B 47 7.06 10.92 -0.51
N GLU B 48 7.04 9.63 -0.85
CA GLU B 48 7.24 9.21 -2.22
C GLU B 48 6.05 9.64 -3.10
N LEU B 49 4.85 9.60 -2.56
CA LEU B 49 3.70 10.09 -3.30
C LEU B 49 3.71 11.60 -3.67
N ALA B 50 4.35 12.39 -2.82
CA ALA B 50 4.29 13.83 -2.94
C ALA B 50 4.66 14.27 -4.31
N ASP B 51 5.77 13.81 -4.80
CA ASP B 51 6.25 14.30 -6.07
C ASP B 51 5.48 13.67 -7.26
N ARG B 52 5.07 12.43 -7.06
CA ARG B 52 4.34 11.69 -8.09
C ARG B 52 3.00 12.32 -8.26
N ALA B 53 2.33 12.69 -7.18
CA ALA B 53 1.05 13.32 -7.30
C ALA B 53 1.06 14.72 -7.93
N VAL B 54 2.12 15.48 -7.71
CA VAL B 54 2.26 16.72 -8.47
C VAL B 54 2.30 16.47 -9.96
N ARG B 55 3.07 15.52 -10.42
CA ARG B 55 3.03 15.14 -11.84
C ARG B 55 1.63 14.64 -12.23
N ASP B 56 1.13 13.63 -11.51
CA ASP B 56 -0.16 12.94 -11.84
C ASP B 56 -1.08 12.92 -10.62
N PRO B 57 -2.01 13.87 -10.53
CA PRO B 57 -2.88 13.99 -9.35
C PRO B 57 -3.80 12.77 -9.07
N SER B 58 -3.99 11.92 -10.06
CA SER B 58 -4.79 10.73 -9.84
C SER B 58 -4.05 9.70 -8.99
N ALA B 59 -2.72 9.82 -8.83
CA ALA B 59 -1.96 9.06 -7.85
C ALA B 59 -2.48 9.23 -6.40
N LEU B 60 -3.21 10.29 -6.10
CA LEU B 60 -3.77 10.51 -4.77
C LEU B 60 -4.85 9.47 -4.39
N ALA B 61 -5.34 8.69 -5.36
CA ALA B 61 -6.22 7.55 -5.00
C ALA B 61 -5.47 6.52 -4.17
N GLU B 62 -4.15 6.60 -4.10
CA GLU B 62 -3.37 5.77 -3.17
C GLU B 62 -3.46 6.18 -1.71
N LEU B 63 -4.00 7.35 -1.39
CA LEU B 63 -3.99 7.80 0.01
C LEU B 63 -4.60 6.81 1.05
N PRO B 64 -5.67 6.04 0.69
CA PRO B 64 -6.19 5.02 1.63
C PRO B 64 -5.27 3.83 1.96
N THR B 65 -4.15 3.76 1.29
CA THR B 65 -3.09 2.78 1.64
C THR B 65 -1.99 3.37 2.47
N ILE B 66 -2.12 4.64 2.77
CA ILE B 66 -1.17 5.38 3.57
C ILE B 66 -1.80 5.81 4.94
N PHE B 67 -2.97 6.44 4.86
CA PHE B 67 -3.67 6.95 6.04
C PHE B 67 -4.86 6.03 6.41
N ALA B 68 -5.04 5.86 7.71
CA ALA B 68 -6.26 5.23 8.24
C ALA B 68 -7.50 6.04 7.87
N PRO B 69 -8.63 5.36 7.73
CA PRO B 69 -9.74 6.23 7.48
C PRO B 69 -9.95 6.91 8.89
N ASP B 70 -10.42 8.10 8.85
CA ASP B 70 -10.53 8.93 10.01
C ASP B 70 -9.19 9.44 10.57
N ALA B 71 -8.12 9.42 9.76
CA ALA B 71 -6.87 10.02 10.18
C ALA B 71 -7.00 11.52 10.31
N THR B 72 -6.10 12.10 11.10
CA THR B 72 -5.94 13.57 11.13
C THR B 72 -4.58 14.02 10.64
N VAL B 73 -4.56 15.10 9.85
CA VAL B 73 -3.32 15.63 9.29
C VAL B 73 -3.25 17.11 9.62
N THR B 74 -2.12 17.56 10.13
CA THR B 74 -1.86 19.00 10.32
C THR B 74 -0.48 19.40 9.77
N LEU B 75 -0.50 19.96 8.61
CA LEU B 75 0.75 20.33 7.93
C LEU B 75 1.32 21.67 8.41
N ARG B 76 0.45 22.64 8.69
CA ARG B 76 0.91 23.94 9.14
C ARG B 76 0.21 24.35 10.43
N ASP B 77 -1.05 24.73 10.30
CA ASP B 77 -1.84 25.16 11.48
C ASP B 77 -3.26 24.50 11.58
N GLU B 78 -3.88 24.18 10.45
CA GLU B 78 -5.25 23.64 10.36
C GLU B 78 -5.25 22.08 10.23
N PRO B 79 -6.00 21.37 11.11
CA PRO B 79 -6.16 19.90 10.95
C PRO B 79 -7.17 19.56 9.89
N VAL B 80 -6.92 18.47 9.16
CA VAL B 80 -7.87 17.96 8.19
C VAL B 80 -8.07 16.52 8.62
N THR B 81 -9.33 16.11 8.76
CA THR B 81 -9.68 14.81 9.32
C THR B 81 -10.56 14.08 8.37
N GLY B 82 -10.17 12.83 8.18
CA GLY B 82 -10.84 11.88 7.35
C GLY B 82 -10.56 11.86 5.90
N MET B 83 -10.82 10.71 5.25
CA MET B 83 -10.32 10.48 3.90
C MET B 83 -10.86 11.47 2.88
N PRO B 84 -12.19 11.76 2.90
CA PRO B 84 -12.69 12.69 1.94
C PRO B 84 -12.07 14.07 2.00
N ALA B 85 -11.92 14.61 3.20
CA ALA B 85 -11.27 15.88 3.40
C ALA B 85 -9.76 15.84 3.09
N ILE B 86 -9.10 14.75 3.50
CA ILE B 86 -7.69 14.59 3.21
C ILE B 86 -7.46 14.57 1.66
N MET B 87 -8.25 13.80 0.92
CA MET B 87 -8.10 13.71 -0.53
C MET B 87 -8.24 15.10 -1.15
N GLU B 88 -9.24 15.85 -0.71
CA GLU B 88 -9.47 17.17 -1.27
C GLU B 88 -8.38 18.14 -0.88
N PHE B 89 -7.87 18.05 0.35
CA PHE B 89 -6.80 18.96 0.77
C PHE B 89 -5.58 18.76 -0.15
N TYR B 90 -5.24 17.49 -0.38
CA TYR B 90 -4.08 17.13 -1.21
C TYR B 90 -4.31 17.44 -2.65
N ARG B 91 -5.54 17.30 -3.15
CA ARG B 91 -5.86 17.72 -4.54
C ARG B 91 -5.56 19.21 -4.75
N VAL B 92 -5.98 20.04 -3.82
CA VAL B 92 -5.77 21.47 -3.86
C VAL B 92 -4.29 21.82 -3.73
N PHE B 93 -3.64 21.20 -2.75
CA PHE B 93 -2.18 21.28 -2.55
C PHE B 93 -1.40 21.00 -3.82
N VAL B 94 -1.58 19.87 -4.47
CA VAL B 94 -0.78 19.55 -5.64
C VAL B 94 -1.16 20.35 -6.84
N ALA B 95 -2.42 20.85 -6.87
CA ALA B 95 -2.78 21.84 -7.89
C ALA B 95 -1.92 23.12 -7.85
N ALA B 96 -1.53 23.62 -6.67
CA ALA B 96 -0.70 24.80 -6.59
C ALA B 96 0.82 24.60 -6.96
N VAL B 97 1.21 23.39 -7.39
CA VAL B 97 2.62 23.00 -7.64
C VAL B 97 2.76 22.55 -9.06
N ALA B 98 3.74 23.11 -9.80
CA ALA B 98 4.02 22.64 -11.12
C ALA B 98 4.95 21.42 -11.12
N GLU B 99 6.01 21.48 -10.36
CA GLU B 99 6.96 20.35 -10.30
C GLU B 99 7.74 20.45 -8.97
N SER B 100 8.02 19.32 -8.38
CA SER B 100 8.69 19.31 -7.07
C SER B 100 9.61 18.11 -6.96
N LYS B 101 10.54 18.22 -6.03
CA LYS B 101 11.40 17.10 -5.62
C LYS B 101 11.58 17.17 -4.11
N HIS B 102 11.26 16.05 -3.43
CA HIS B 102 11.52 15.86 -1.99
C HIS B 102 12.71 14.91 -1.76
N TYR B 103 13.45 15.16 -0.73
CA TYR B 103 14.40 14.15 -0.12
C TYR B 103 14.08 14.04 1.31
N TRP B 104 14.20 12.84 1.86
CA TRP B 104 13.86 12.64 3.25
C TRP B 104 14.68 11.54 3.91
N THR B 105 14.64 11.54 5.23
CA THR B 105 15.23 10.46 6.05
C THR B 105 14.23 10.12 7.11
N THR B 106 14.09 8.82 7.39
CA THR B 106 13.06 8.30 8.30
C THR B 106 13.65 7.47 9.43
N THR B 107 13.12 7.66 10.64
CA THR B 107 13.50 6.90 11.85
C THR B 107 12.20 6.49 12.57
N ILE B 108 12.25 5.34 13.22
CA ILE B 108 11.13 4.90 14.09
C ILE B 108 11.58 5.14 15.51
N LEU B 109 10.87 6.00 16.23
CA LEU B 109 11.29 6.41 17.58
C LEU B 109 10.88 5.33 18.57
N GLU B 110 11.44 5.46 19.78
CA GLU B 110 11.30 4.48 20.87
C GLU B 110 9.84 4.05 21.03
N ASP B 111 8.95 5.03 21.11
CA ASP B 111 7.50 4.74 21.22
C ASP B 111 6.78 4.20 19.98
N GLY B 112 7.48 3.99 18.87
CA GLY B 112 6.84 3.56 17.63
C GLY B 112 6.25 4.67 16.74
N THR B 113 6.27 5.93 17.18
CA THR B 113 6.09 7.10 16.32
C THR B 113 7.16 7.08 15.17
N ILE B 114 6.75 7.55 14.00
CA ILE B 114 7.67 7.57 12.88
C ILE B 114 8.03 9.05 12.70
N GLU B 115 9.30 9.31 12.43
CA GLU B 115 9.76 10.64 12.25
C GLU B 115 10.46 10.74 10.89
N SER B 116 10.15 11.72 10.06
CA SER B 116 10.95 11.93 8.83
C SER B 116 11.37 13.39 8.72
N HIS B 117 12.67 13.62 8.59
CA HIS B 117 13.21 14.91 8.22
C HIS B 117 13.17 15.03 6.71
N TRP B 118 12.72 16.15 6.17
CA TRP B 118 12.55 16.26 4.76
C TRP B 118 12.96 17.67 4.29
N VAL B 119 13.21 17.75 2.99
CA VAL B 119 13.45 18.98 2.22
C VAL B 119 12.70 18.90 0.91
N VAL B 120 12.33 20.04 0.39
CA VAL B 120 11.73 20.18 -0.90
C VAL B 120 12.24 21.35 -1.66
N ALA B 121 12.32 21.19 -2.98
CA ALA B 121 12.41 22.33 -3.95
C ALA B 121 11.30 22.16 -4.98
N ALA B 122 10.76 23.28 -5.43
CA ALA B 122 9.66 23.21 -6.31
C ALA B 122 9.52 24.51 -7.11
N ARG B 123 8.91 24.36 -8.27
CA ARG B 123 8.24 25.47 -9.03
C ARG B 123 6.74 25.40 -8.84
N ARG B 124 6.21 26.49 -8.30
CA ARG B 124 4.80 26.61 -8.01
C ARG B 124 4.04 26.87 -9.29
N ALA B 125 2.74 26.65 -9.24
CA ALA B 125 1.91 26.85 -10.41
C ALA B 125 1.95 28.31 -10.90
N ASP B 126 2.19 29.29 -10.03
CA ASP B 126 2.39 30.69 -10.46
C ASP B 126 3.75 30.99 -11.06
N GLY B 127 4.58 29.97 -11.15
CA GLY B 127 5.91 30.14 -11.73
C GLY B 127 6.94 30.53 -10.71
N SER B 128 6.56 30.79 -9.47
CA SER B 128 7.51 31.18 -8.44
C SER B 128 8.33 29.92 -8.03
N LEU B 129 9.52 30.11 -7.48
CA LEU B 129 10.33 28.98 -7.00
C LEU B 129 10.25 28.96 -5.50
N MET B 130 10.35 27.77 -4.91
CA MET B 130 10.34 27.68 -3.45
C MET B 130 11.21 26.56 -2.93
N THR B 131 11.57 26.69 -1.68
CA THR B 131 12.19 25.59 -0.92
C THR B 131 11.51 25.54 0.44
N ALA B 132 11.63 24.41 1.16
CA ALA B 132 11.14 24.25 2.55
C ALA B 132 11.80 23.04 3.13
N ALA B 133 11.73 22.95 4.44
CA ALA B 133 12.31 21.84 5.13
C ALA B 133 11.57 21.69 6.47
N GLY B 134 11.43 20.47 6.88
CA GLY B 134 10.73 20.19 8.11
C GLY B 134 10.94 18.82 8.68
N VAL B 135 10.17 18.57 9.72
CA VAL B 135 10.09 17.26 10.30
C VAL B 135 8.65 16.87 10.53
N GLU B 136 8.32 15.69 10.02
CA GLU B 136 6.99 15.09 10.20
C GLU B 136 7.02 13.97 11.17
N HIS B 137 5.98 13.95 12.02
CA HIS B 137 5.85 12.89 13.03
C HIS B 137 4.54 12.22 12.76
N ALA B 138 4.56 10.92 12.60
CA ALA B 138 3.30 10.14 12.38
C ALA B 138 3.07 9.15 13.50
N THR B 139 1.83 9.11 13.97
CA THR B 139 1.33 7.96 14.73
C THR B 139 0.80 6.96 13.75
N VAL B 140 1.11 5.70 13.96
CA VAL B 140 0.53 4.66 13.13
C VAL B 140 -0.30 3.70 13.93
N ASP B 141 -1.19 3.03 13.25
CA ASP B 141 -2.01 2.05 13.88
C ASP B 141 -1.38 0.70 13.77
N THR B 142 -2.07 -0.32 14.24
CA THR B 142 -1.50 -1.61 14.23
C THR B 142 -1.25 -2.20 12.82
N ASP B 143 -1.98 -1.72 11.80
CA ASP B 143 -1.74 -2.14 10.40
C ASP B 143 -0.58 -1.36 9.75
N GLY B 144 -0.04 -0.41 10.50
CA GLY B 144 0.98 0.52 10.01
C GLY B 144 0.52 1.74 9.26
N LEU B 145 -0.77 1.97 9.17
CA LEU B 145 -1.28 3.15 8.49
C LEU B 145 -1.29 4.36 9.42
N ILE B 146 -1.19 5.54 8.85
CA ILE B 146 -1.01 6.74 9.68
C ILE B 146 -2.37 7.16 10.26
N THR B 147 -2.43 7.32 11.55
CA THR B 147 -3.61 7.90 12.17
C THR B 147 -3.54 9.37 12.47
N ASN B 148 -2.33 9.86 12.61
CA ASN B 148 -2.08 11.26 12.93
C ASN B 148 -0.73 11.68 12.39
N LEU B 149 -0.79 12.71 11.63
CA LEU B 149 0.39 13.28 10.96
C LEU B 149 0.52 14.73 11.29
N ARG B 150 1.69 15.09 11.79
CA ARG B 150 2.00 16.48 12.15
C ARG B 150 3.37 16.92 11.61
N ASN B 151 3.42 18.13 11.07
CA ASN B 151 4.68 18.71 10.51
C ASN B 151 5.06 19.94 11.27
N ARG B 152 6.36 20.20 11.36
CA ARG B 152 6.91 21.40 11.99
C ARG B 152 8.02 21.88 11.05
N TYR B 153 7.91 23.10 10.50
CA TYR B 153 8.92 23.57 9.55
C TYR B 153 10.21 24.03 10.26
N THR B 154 11.35 23.60 9.75
CA THR B 154 12.63 24.15 10.08
C THR B 154 13.13 25.15 9.06
N ARG B 155 12.45 25.21 7.93
CA ARG B 155 12.74 26.15 6.85
C ARG B 155 11.40 26.44 6.22
N THR B 156 10.78 27.57 6.56
CA THR B 156 9.43 27.84 6.03
C THR B 156 9.43 28.04 4.53
N PRO B 157 8.26 27.74 3.90
CA PRO B 157 8.18 27.84 2.44
C PRO B 157 8.37 29.24 2.02
N GLY B 158 9.15 29.41 0.98
CA GLY B 158 9.68 30.69 0.60
C GLY B 158 10.50 30.53 -0.69
O39 XIA C . -2.32 -23.85 -6.53
C11 XIA C . -1.74 -23.20 -7.37
O13 XIA C . -0.68 -23.69 -8.04
C6 XIA C . -1.99 -21.76 -7.36
C5 XIA C . -2.83 -21.19 -6.38
C4 XIA C . -2.97 -19.79 -6.34
C7 XIA C . -3.85 -19.07 -5.33
C8 XIA C . -3.11 -17.80 -4.98
O16 XIA C . -3.82 -17.01 -4.00
C9 XIA C . -2.88 -16.96 -6.24
C15 XIA C . -4.24 -16.64 -6.94
O10 XIA C . -2.17 -17.66 -7.22
C3 XIA C . -2.17 -19.01 -7.28
C2 XIA C . -1.37 -19.62 -8.23
C1 XIA C . -1.25 -21.00 -8.25
C17 XIA C . -2.09 -15.69 -5.93
C18 XIA C . -0.71 -15.91 -5.25
C19 XIA C . -0.24 -14.53 -4.74
C21 XIA C . 1.03 -14.29 -4.34
C23 XIA C . 2.20 -15.23 -4.39
C22 XIA C . 1.36 -12.93 -3.82
O39 XIA D . 4.92 24.55 0.68
C11 XIA D . 4.90 23.84 1.78
O13 XIA D . 4.34 24.26 2.80
C6 XIA D . 5.18 22.39 1.72
C5 XIA D . 4.81 21.58 2.81
C4 XIA D . 4.99 20.21 2.68
C7 XIA D . 4.63 19.27 3.79
C8 XIA D . 4.12 18.00 3.13
O16 XIA D . 3.77 16.99 4.12
C9 XIA D . 5.17 17.43 2.15
C15 XIA D . 6.51 17.14 2.88
O10 XIA D . 5.54 18.38 1.18
C3 XIA D . 5.46 19.70 1.40
C2 XIA D . 5.80 20.52 0.38
C1 XIA D . 5.64 21.87 0.50
C17 XIA D . 4.60 16.18 1.47
C18 XIA D . 3.29 16.42 0.64
C19 XIA D . 2.69 15.03 0.28
C21 XIA D . 1.69 14.84 -0.65
C23 XIA D . 1.10 15.90 -1.54
C22 XIA D . 1.19 13.45 -0.85
#